data_3KZK
#
_entry.id   3KZK
#
_cell.length_a   129.446
_cell.length_b   129.446
_cell.length_c   129.446
_cell.angle_alpha   90.00
_cell.angle_beta   90.00
_cell.angle_gamma   90.00
#
_symmetry.space_group_name_H-M   'I 21 3'
#
loop_
_entity.id
_entity.type
_entity.pdbx_description
1 polymer 'N-acetylornithine carbamoyltransferase'
2 non-polymer '(S)-2-ACETAMIDO-5-UREIDOPENTANOIC ACID'
3 non-polymer 'SULFATE ION'
4 water water
#
_entity_poly.entity_id   1
_entity_poly.type   'polypeptide(L)'
_entity_poly.pdbx_seq_one_letter_code
;MGSSHHHHHHSSGLVPRGSHMSLKHFLNTQDWSRAELDALLTQAALFKRNKLGSELKGKSIALVFFNPSMRTRTSFELGA
FQLGGHAVVLQPGKDAWPIEFNLGTVMDGDTEEHIAEVARVLGRYVDLIGVRAFPKFVDWSKDREDQVLKSFAKYSPVPV
INMETITHPCQELAHALALQEHFGTPDLRGKKYVLTWTYHPKPLNTAVANSALTIATRMGMDVTLLCPTPDYILDERYMD
WAAQNVAESGGSLQVSHDIDSAYAGADVVYAKSWGALPFFGNWEPEKPIRDQYQHFIVDERKMALTNNGVFSHCLPLRRN
V(KCX)ATDAVMDSPNCIAIDEAENRLHVQKAIMAALVGQSRP
;
_entity_poly.pdbx_strand_id   A
#
# COMPACT_ATOMS: atom_id res chain seq x y z
N LEU A 23 -22.92 2.48 1.75
CA LEU A 23 -21.87 1.85 2.62
C LEU A 23 -20.50 2.36 2.21
N LYS A 24 -19.76 2.88 3.18
CA LYS A 24 -18.41 3.43 2.97
C LYS A 24 -17.35 2.37 3.24
N HIS A 25 -16.44 2.16 2.30
CA HIS A 25 -15.35 1.19 2.45
C HIS A 25 -14.03 1.95 2.40
N PHE A 26 -12.92 1.25 2.64
CA PHE A 26 -11.60 1.88 2.53
C PHE A 26 -10.85 1.02 1.53
N LEU A 27 -11.15 1.23 0.26
CA LEU A 27 -10.52 0.46 -0.80
C LEU A 27 -9.33 1.20 -1.39
N ASN A 28 -9.42 2.52 -1.41
CA ASN A 28 -8.38 3.37 -1.97
C ASN A 28 -8.53 4.80 -1.44
N THR A 29 -7.42 5.48 -1.20
CA THR A 29 -7.46 6.86 -0.70
C THR A 29 -8.07 7.76 -1.78
N GLN A 30 -7.92 7.34 -3.03
CA GLN A 30 -8.42 8.09 -4.18
C GLN A 30 -9.95 8.20 -4.15
N ASP A 31 -10.62 7.29 -3.45
CA ASP A 31 -12.09 7.32 -3.35
C ASP A 31 -12.54 8.29 -2.26
N TRP A 32 -11.60 8.70 -1.41
CA TRP A 32 -11.90 9.61 -0.31
C TRP A 32 -11.53 11.05 -0.66
N SER A 33 -12.26 12.00 -0.06
CA SER A 33 -11.97 13.42 -0.28
C SER A 33 -10.75 13.76 0.54
N ARG A 34 -10.08 14.86 0.17
CA ARG A 34 -8.88 15.29 0.90
C ARG A 34 -9.22 15.56 2.36
N ALA A 35 -10.41 16.11 2.62
CA ALA A 35 -10.83 16.40 3.98
C ALA A 35 -10.95 15.12 4.80
N GLU A 36 -11.51 14.07 4.19
CA GLU A 36 -11.67 12.79 4.89
C GLU A 36 -10.31 12.17 5.21
N LEU A 37 -9.38 12.27 4.26
CA LEU A 37 -8.04 11.72 4.46
C LEU A 37 -7.30 12.49 5.55
N ASP A 38 -7.43 13.81 5.54
CA ASP A 38 -6.78 14.64 6.56
C ASP A 38 -7.34 14.29 7.91
N ALA A 39 -8.64 13.98 7.97
CA ALA A 39 -9.28 13.63 9.23
C ALA A 39 -8.74 12.28 9.71
N LEU A 40 -8.51 11.36 8.77
CA LEU A 40 -7.97 10.05 9.12
C LEU A 40 -6.57 10.20 9.70
N LEU A 41 -5.73 10.98 9.02
CA LEU A 41 -4.36 11.19 9.46
C LEU A 41 -4.32 11.87 10.82
N THR A 42 -5.25 12.79 11.06
CA THR A 42 -5.28 13.47 12.36
C THR A 42 -5.71 12.49 13.45
N GLN A 43 -6.69 11.63 13.15
CA GLN A 43 -7.14 10.66 14.15
C GLN A 43 -6.00 9.67 14.41
N ALA A 44 -5.24 9.36 13.36
CA ALA A 44 -4.11 8.46 13.50
C ALA A 44 -3.12 9.10 14.48
N ALA A 45 -2.85 10.38 14.28
CA ALA A 45 -1.93 11.07 15.19
C ALA A 45 -2.48 11.03 16.61
N LEU A 46 -3.79 11.19 16.76
CA LEU A 46 -4.39 11.15 18.10
C LEU A 46 -4.28 9.78 18.74
N PHE A 47 -4.48 8.73 17.95
CA PHE A 47 -4.37 7.38 18.48
C PHE A 47 -2.92 7.08 18.90
N LYS A 48 -1.98 7.67 18.18
CA LYS A 48 -0.57 7.47 18.50
C LYS A 48 -0.24 8.08 19.86
N ARG A 49 -0.99 9.10 20.27
CA ARG A 49 -0.78 9.73 21.56
C ARG A 49 -1.52 8.99 22.68
N ASN A 50 -2.70 8.45 22.36
CA ASN A 50 -3.53 7.69 23.31
C ASN A 50 -3.95 6.42 22.60
N LYS A 51 -3.16 5.36 22.78
CA LYS A 51 -3.43 4.09 22.09
C LYS A 51 -4.62 3.26 22.52
N LEU A 52 -4.96 3.25 23.81
CA LEU A 52 -6.11 2.45 24.24
C LEU A 52 -7.41 3.25 24.12
N GLY A 53 -8.45 2.60 23.61
CA GLY A 53 -9.74 3.27 23.45
C GLY A 53 -10.89 2.28 23.42
N SER A 54 -12.10 2.78 23.18
CA SER A 54 -13.26 1.91 23.13
C SER A 54 -14.01 2.02 21.80
N GLU A 55 -13.36 2.59 20.79
CA GLU A 55 -13.99 2.76 19.48
C GLU A 55 -14.49 1.45 18.88
N LEU A 56 -13.87 0.34 19.24
CA LEU A 56 -14.25 -0.96 18.72
C LEU A 56 -14.71 -1.91 19.83
N LYS A 57 -15.19 -1.34 20.92
CA LYS A 57 -15.62 -2.15 22.06
C LYS A 57 -16.69 -3.19 21.71
N GLY A 58 -16.34 -4.46 21.86
CA GLY A 58 -17.26 -5.52 21.55
C GLY A 58 -17.41 -5.77 20.06
N LYS A 59 -16.65 -5.03 19.25
CA LYS A 59 -16.72 -5.18 17.80
C LYS A 59 -15.64 -6.14 17.31
N SER A 60 -15.74 -6.55 16.05
CA SER A 60 -14.73 -7.48 15.54
C SER A 60 -14.46 -7.23 14.06
N ILE A 61 -13.27 -7.64 13.64
CA ILE A 61 -12.87 -7.52 12.25
C ILE A 61 -12.32 -8.86 11.77
N ALA A 62 -12.70 -9.26 10.56
CA ALA A 62 -12.21 -10.52 10.00
C ALA A 62 -11.05 -10.13 9.08
N LEU A 63 -9.84 -10.60 9.39
CA LEU A 63 -8.68 -10.28 8.57
C LEU A 63 -8.45 -11.45 7.61
N VAL A 64 -8.86 -11.27 6.36
CA VAL A 64 -8.73 -12.34 5.37
C VAL A 64 -7.45 -12.20 4.55
N PHE A 65 -6.50 -13.09 4.80
CA PHE A 65 -5.22 -13.08 4.11
C PHE A 65 -5.10 -14.17 3.05
N PHE A 66 -4.96 -13.77 1.79
CA PHE A 66 -4.78 -14.75 0.72
C PHE A 66 -3.28 -14.92 0.48
N ASN A 67 -2.48 -14.05 1.08
CA ASN A 67 -1.01 -14.09 0.96
C ASN A 67 -0.33 -13.85 2.33
N PRO A 68 1.01 -14.01 2.41
CA PRO A 68 1.77 -13.82 3.66
C PRO A 68 1.73 -12.44 4.28
N SER A 69 1.97 -12.37 5.59
CA SER A 69 1.96 -11.10 6.32
C SER A 69 2.50 -11.20 7.74
N MET A 70 3.24 -10.19 8.17
CA MET A 70 3.76 -10.15 9.54
C MET A 70 3.27 -8.85 10.15
N ARG A 71 3.67 -7.75 9.53
CA ARG A 71 3.29 -6.41 9.99
C ARG A 71 1.79 -6.20 9.91
N THR A 72 1.21 -6.52 8.76
CA THR A 72 -0.21 -6.31 8.56
C THR A 72 -1.09 -7.09 9.54
N ARG A 73 -0.84 -8.39 9.68
CA ARG A 73 -1.62 -9.18 10.63
C ARG A 73 -1.39 -8.68 12.06
N THR A 74 -0.14 -8.42 12.39
CA THR A 74 0.17 -7.95 13.73
C THR A 74 -0.45 -6.58 14.05
N SER A 75 -0.25 -5.60 13.18
CA SER A 75 -0.78 -4.26 13.44
C SER A 75 -2.32 -4.21 13.51
N PHE A 76 -3.00 -4.89 12.58
CA PHE A 76 -4.47 -4.90 12.63
C PHE A 76 -4.95 -5.61 13.90
N GLU A 77 -4.37 -6.78 14.17
CA GLU A 77 -4.78 -7.56 15.33
C GLU A 77 -4.61 -6.77 16.62
N LEU A 78 -3.47 -6.11 16.76
CA LEU A 78 -3.21 -5.30 17.95
C LEU A 78 -4.12 -4.08 17.95
N GLY A 79 -4.36 -3.51 16.78
CA GLY A 79 -5.23 -2.35 16.69
C GLY A 79 -6.62 -2.66 17.21
N ALA A 80 -7.17 -3.79 16.77
CA ALA A 80 -8.50 -4.20 17.21
C ALA A 80 -8.50 -4.40 18.73
N PHE A 81 -7.45 -5.07 19.24
CA PHE A 81 -7.34 -5.31 20.68
C PHE A 81 -7.29 -4.02 21.51
N GLN A 82 -6.48 -3.06 21.06
CA GLN A 82 -6.33 -1.81 21.80
C GLN A 82 -7.58 -0.93 21.83
N LEU A 83 -8.50 -1.17 20.89
CA LEU A 83 -9.75 -0.42 20.82
C LEU A 83 -10.93 -1.21 21.39
N GLY A 84 -10.62 -2.26 22.14
CA GLY A 84 -11.66 -3.06 22.76
C GLY A 84 -12.36 -4.08 21.88
N GLY A 85 -11.84 -4.29 20.68
CA GLY A 85 -12.43 -5.25 19.77
C GLY A 85 -11.61 -6.52 19.66
N HIS A 86 -11.89 -7.31 18.62
CA HIS A 86 -11.19 -8.57 18.40
C HIS A 86 -11.06 -8.87 16.92
N ALA A 87 -9.86 -9.25 16.48
CA ALA A 87 -9.62 -9.61 15.10
C ALA A 87 -9.60 -11.14 14.97
N VAL A 88 -10.22 -11.65 13.91
CA VAL A 88 -10.23 -13.08 13.62
C VAL A 88 -9.39 -13.21 12.36
N VAL A 89 -8.27 -13.93 12.46
CA VAL A 89 -7.36 -14.10 11.32
C VAL A 89 -7.73 -15.33 10.51
N LEU A 90 -7.99 -15.12 9.21
CA LEU A 90 -8.37 -16.19 8.30
C LEU A 90 -7.44 -16.27 7.09
N GLN A 91 -7.12 -17.50 6.67
CA GLN A 91 -6.25 -17.73 5.51
C GLN A 91 -6.86 -18.77 4.57
N PRO A 92 -7.75 -18.33 3.64
CA PRO A 92 -8.37 -19.28 2.71
C PRO A 92 -7.34 -20.17 2.02
N GLY A 93 -7.69 -21.44 1.84
CA GLY A 93 -6.77 -22.37 1.20
C GLY A 93 -5.79 -22.92 2.23
N LYS A 94 -5.71 -22.24 3.36
CA LYS A 94 -4.82 -22.65 4.43
C LYS A 94 -5.68 -23.27 5.54
N ASP A 95 -6.48 -22.43 6.21
CA ASP A 95 -7.37 -22.91 7.26
C ASP A 95 -8.82 -22.78 6.81
N ALA A 96 -9.13 -21.69 6.11
CA ALA A 96 -10.48 -21.48 5.61
C ALA A 96 -10.56 -22.15 4.23
N TRP A 97 -11.75 -22.26 3.66
CA TRP A 97 -11.92 -22.91 2.36
C TRP A 97 -11.61 -21.96 1.19
N PRO A 98 -11.11 -22.51 0.07
CA PRO A 98 -10.79 -21.72 -1.13
C PRO A 98 -12.05 -21.08 -1.70
N ILE A 99 -11.94 -19.82 -2.14
CA ILE A 99 -13.10 -19.09 -2.64
C ILE A 99 -13.18 -18.82 -4.14
N GLU A 100 -14.40 -18.85 -4.67
CA GLU A 100 -14.68 -18.60 -6.08
C GLU A 100 -15.22 -17.19 -6.24
N PHE A 101 -14.73 -16.44 -7.23
CA PHE A 101 -15.21 -15.07 -7.41
C PHE A 101 -15.97 -14.84 -8.71
N ASN A 102 -15.70 -15.66 -9.73
CA ASN A 102 -16.39 -15.53 -11.02
C ASN A 102 -17.87 -15.87 -10.88
N LEU A 103 -18.71 -15.09 -11.56
CA LEU A 103 -20.15 -15.28 -11.51
C LEU A 103 -20.72 -16.26 -12.53
N GLY A 104 -21.74 -17.00 -12.11
CA GLY A 104 -22.40 -17.95 -13.00
C GLY A 104 -21.68 -19.24 -13.38
N THR A 105 -20.41 -19.37 -13.01
CA THR A 105 -19.66 -20.57 -13.36
C THR A 105 -20.12 -21.80 -12.57
N VAL A 106 -19.90 -22.97 -13.15
CA VAL A 106 -20.24 -24.24 -12.52
C VAL A 106 -19.08 -24.60 -11.60
N MET A 107 -19.29 -24.45 -10.30
CA MET A 107 -18.25 -24.73 -9.32
C MET A 107 -17.93 -26.21 -9.12
N ASP A 108 -17.26 -26.79 -10.11
CA ASP A 108 -16.85 -28.19 -10.10
C ASP A 108 -15.33 -28.28 -10.13
N GLY A 109 -14.67 -27.19 -9.77
CA GLY A 109 -13.22 -27.17 -9.78
C GLY A 109 -12.60 -27.30 -8.40
N ASP A 110 -11.65 -26.42 -8.10
CA ASP A 110 -10.96 -26.43 -6.83
C ASP A 110 -11.70 -25.64 -5.74
N THR A 111 -12.31 -24.51 -6.13
CA THR A 111 -13.04 -23.67 -5.20
C THR A 111 -14.24 -24.39 -4.59
N GLU A 112 -14.39 -24.26 -3.27
CA GLU A 112 -15.48 -24.93 -2.56
C GLU A 112 -16.73 -24.08 -2.32
N GLU A 113 -16.56 -22.77 -2.20
CA GLU A 113 -17.70 -21.88 -2.00
C GLU A 113 -17.50 -20.54 -2.72
N HIS A 114 -18.61 -19.83 -2.94
CA HIS A 114 -18.58 -18.56 -3.64
C HIS A 114 -18.50 -17.35 -2.71
N ILE A 115 -17.82 -16.31 -3.16
CA ILE A 115 -17.66 -15.08 -2.38
C ILE A 115 -19.00 -14.52 -1.93
N ALA A 116 -20.04 -14.72 -2.74
CA ALA A 116 -21.38 -14.24 -2.38
C ALA A 116 -21.78 -14.79 -1.02
N GLU A 117 -21.51 -16.07 -0.79
CA GLU A 117 -21.84 -16.69 0.49
C GLU A 117 -20.84 -16.31 1.56
N VAL A 118 -19.56 -16.29 1.20
CA VAL A 118 -18.50 -15.96 2.15
C VAL A 118 -18.68 -14.57 2.76
N ALA A 119 -18.89 -13.57 1.91
CA ALA A 119 -19.06 -12.19 2.39
C ALA A 119 -20.32 -11.98 3.20
N ARG A 120 -21.40 -12.63 2.77
CA ARG A 120 -22.67 -12.51 3.48
C ARG A 120 -22.59 -13.15 4.87
N VAL A 121 -21.98 -14.32 4.95
CA VAL A 121 -21.84 -15.00 6.24
C VAL A 121 -20.95 -14.18 7.18
N LEU A 122 -19.76 -13.80 6.71
CA LEU A 122 -18.87 -13.00 7.53
C LEU A 122 -19.59 -11.75 8.00
N GLY A 123 -20.43 -11.21 7.11
CA GLY A 123 -21.17 -10.00 7.45
C GLY A 123 -22.15 -10.20 8.58
N ARG A 124 -22.45 -11.46 8.91
CA ARG A 124 -23.38 -11.76 10.00
C ARG A 124 -22.59 -11.92 11.29
N TYR A 125 -21.28 -12.11 11.16
CA TYR A 125 -20.39 -12.33 12.31
C TYR A 125 -19.60 -11.10 12.74
N VAL A 126 -18.91 -10.49 11.79
CA VAL A 126 -18.06 -9.36 12.08
C VAL A 126 -18.60 -7.99 11.68
N ASP A 127 -17.92 -6.96 12.14
CA ASP A 127 -18.30 -5.58 11.88
C ASP A 127 -17.48 -4.96 10.76
N LEU A 128 -16.34 -5.57 10.48
CA LEU A 128 -15.43 -5.10 9.44
C LEU A 128 -14.72 -6.29 8.81
N ILE A 129 -14.34 -6.16 7.54
CA ILE A 129 -13.60 -7.22 6.87
C ILE A 129 -12.40 -6.63 6.15
N GLY A 130 -11.21 -7.13 6.50
CA GLY A 130 -10.00 -6.66 5.85
C GLY A 130 -9.62 -7.73 4.85
N VAL A 131 -9.07 -7.33 3.70
CA VAL A 131 -8.69 -8.30 2.69
C VAL A 131 -7.35 -8.00 2.05
N ARG A 132 -6.52 -9.03 2.01
CA ARG A 132 -5.20 -8.95 1.41
C ARG A 132 -5.16 -10.01 0.32
N ALA A 133 -4.96 -9.59 -0.92
CA ALA A 133 -4.90 -10.54 -2.02
C ALA A 133 -4.03 -9.99 -3.14
N PHE A 134 -2.84 -10.56 -3.28
CA PHE A 134 -1.90 -10.13 -4.32
C PHE A 134 -2.32 -10.62 -5.69
N PRO A 135 -1.81 -10.00 -6.75
CA PRO A 135 -2.19 -10.46 -8.08
C PRO A 135 -1.60 -11.86 -8.28
N LYS A 136 -2.11 -12.59 -9.26
CA LYS A 136 -1.63 -13.94 -9.54
C LYS A 136 -0.38 -13.90 -10.42
N PHE A 137 -0.12 -12.74 -11.03
CA PHE A 137 1.02 -12.53 -11.90
C PHE A 137 1.00 -13.33 -13.19
N VAL A 138 -0.18 -13.80 -13.58
CA VAL A 138 -0.32 -14.58 -14.81
C VAL A 138 -0.74 -13.67 -15.96
N ASP A 139 -1.58 -12.69 -15.64
CA ASP A 139 -2.08 -11.75 -16.63
C ASP A 139 -2.59 -10.47 -15.97
N TRP A 140 -1.87 -9.37 -16.18
CA TRP A 140 -2.22 -8.09 -15.59
C TRP A 140 -3.62 -7.60 -15.98
N SER A 141 -4.12 -8.06 -17.12
CA SER A 141 -5.45 -7.66 -17.58
C SER A 141 -6.49 -8.04 -16.53
N LYS A 142 -6.33 -9.23 -15.96
CA LYS A 142 -7.24 -9.70 -14.94
C LYS A 142 -6.85 -9.23 -13.54
N ASP A 143 -5.55 -9.18 -13.25
CA ASP A 143 -5.11 -8.74 -11.93
C ASP A 143 -5.51 -7.30 -11.67
N ARG A 144 -5.40 -6.44 -12.69
CA ARG A 144 -5.72 -5.03 -12.54
C ARG A 144 -7.21 -4.77 -12.32
N GLU A 145 -8.02 -5.81 -12.44
CA GLU A 145 -9.45 -5.62 -12.24
C GLU A 145 -9.81 -5.59 -10.75
N ASP A 146 -8.87 -6.03 -9.91
CA ASP A 146 -9.07 -6.01 -8.45
C ASP A 146 -10.33 -6.80 -8.07
N GLN A 147 -10.51 -7.94 -8.71
CA GLN A 147 -11.69 -8.80 -8.51
C GLN A 147 -11.99 -9.23 -7.07
N VAL A 148 -10.98 -9.70 -6.36
CA VAL A 148 -11.20 -10.14 -4.98
C VAL A 148 -11.71 -8.99 -4.11
N LEU A 149 -10.97 -7.88 -4.08
CA LEU A 149 -11.36 -6.72 -3.28
C LEU A 149 -12.76 -6.24 -3.65
N LYS A 150 -12.98 -6.00 -4.94
CA LYS A 150 -14.28 -5.51 -5.40
C LYS A 150 -15.42 -6.46 -5.04
N SER A 151 -15.16 -7.76 -5.09
CA SER A 151 -16.18 -8.74 -4.78
C SER A 151 -16.56 -8.66 -3.30
N PHE A 152 -15.56 -8.51 -2.43
CA PHE A 152 -15.86 -8.39 -1.01
C PHE A 152 -16.71 -7.15 -0.77
N ALA A 153 -16.31 -6.03 -1.36
CA ALA A 153 -17.04 -4.79 -1.19
C ALA A 153 -18.48 -4.89 -1.72
N LYS A 154 -18.65 -5.66 -2.80
CA LYS A 154 -19.94 -5.85 -3.43
C LYS A 154 -20.90 -6.65 -2.56
N TYR A 155 -20.45 -7.82 -2.12
CA TYR A 155 -21.29 -8.70 -1.33
C TYR A 155 -21.33 -8.49 0.19
N SER A 156 -20.33 -7.79 0.73
CA SER A 156 -20.30 -7.58 2.17
C SER A 156 -21.27 -6.53 2.69
N PRO A 157 -22.03 -6.87 3.76
CA PRO A 157 -22.98 -5.90 4.32
C PRO A 157 -22.27 -4.97 5.30
N VAL A 158 -20.96 -5.20 5.50
CA VAL A 158 -20.17 -4.37 6.39
C VAL A 158 -18.95 -3.81 5.65
N PRO A 159 -18.37 -2.71 6.16
CA PRO A 159 -17.21 -2.09 5.52
C PRO A 159 -16.02 -3.01 5.27
N VAL A 160 -15.41 -2.83 4.10
CA VAL A 160 -14.27 -3.63 3.68
C VAL A 160 -13.01 -2.76 3.65
N ILE A 161 -11.89 -3.32 4.12
CA ILE A 161 -10.63 -2.59 4.16
C ILE A 161 -9.56 -3.32 3.34
N ASN A 162 -8.92 -2.57 2.45
CA ASN A 162 -7.87 -3.07 1.56
C ASN A 162 -6.59 -3.22 2.37
N MET A 163 -6.14 -4.46 2.56
CA MET A 163 -4.92 -4.71 3.33
C MET A 163 -3.76 -4.99 2.37
N GLU A 164 -3.99 -4.61 1.12
CA GLU A 164 -3.10 -4.70 -0.03
C GLU A 164 -3.52 -5.71 -1.10
N THR A 165 -3.84 -5.18 -2.28
CA THR A 165 -4.20 -6.01 -3.43
C THR A 165 -3.33 -5.45 -4.57
N ILE A 166 -3.88 -4.50 -5.32
CA ILE A 166 -3.10 -3.87 -6.40
C ILE A 166 -2.74 -2.44 -6.02
N THR A 167 -3.23 -2.03 -4.84
CA THR A 167 -2.92 -0.74 -4.24
C THR A 167 -2.74 -1.08 -2.75
N HIS A 168 -2.13 -0.18 -1.99
CA HIS A 168 -1.88 -0.43 -0.56
C HIS A 168 -2.17 0.88 0.16
N PRO A 169 -3.45 1.28 0.24
CA PRO A 169 -3.89 2.52 0.88
C PRO A 169 -3.52 2.66 2.36
N CYS A 170 -3.47 1.57 3.12
CA CYS A 170 -3.09 1.68 4.53
C CYS A 170 -1.62 2.12 4.58
N GLN A 171 -0.82 1.62 3.65
CA GLN A 171 0.59 1.98 3.62
C GLN A 171 0.73 3.46 3.23
N GLU A 172 -0.14 3.93 2.35
CA GLU A 172 -0.10 5.33 1.94
C GLU A 172 -0.20 6.27 3.15
N LEU A 173 -1.19 6.02 4.00
CA LEU A 173 -1.40 6.86 5.17
C LEU A 173 -0.31 6.72 6.24
N ALA A 174 0.26 5.53 6.36
CA ALA A 174 1.33 5.31 7.34
C ALA A 174 2.53 6.10 6.87
N HIS A 175 2.76 6.03 5.56
CA HIS A 175 3.85 6.71 4.88
C HIS A 175 3.65 8.23 4.98
N ALA A 176 2.47 8.70 4.62
CA ALA A 176 2.17 10.13 4.68
C ALA A 176 2.34 10.67 6.08
N LEU A 177 1.83 9.96 7.08
CA LEU A 177 1.93 10.44 8.45
C LEU A 177 3.40 10.54 8.87
N ALA A 178 4.20 9.55 8.50
CA ALA A 178 5.61 9.56 8.86
C ALA A 178 6.29 10.77 8.25
N LEU A 179 5.93 11.11 7.01
CA LEU A 179 6.52 12.27 6.36
C LEU A 179 6.10 13.54 7.08
N GLN A 180 4.82 13.65 7.43
CA GLN A 180 4.35 14.83 8.13
C GLN A 180 5.03 14.97 9.50
N GLU A 181 5.31 13.84 10.15
CA GLU A 181 5.96 13.86 11.44
C GLU A 181 7.43 14.25 11.27
N HIS A 182 8.03 13.80 10.17
CA HIS A 182 9.42 14.13 9.92
C HIS A 182 9.63 15.63 9.69
N PHE A 183 8.82 16.22 8.82
CA PHE A 183 8.93 17.64 8.51
C PHE A 183 8.21 18.55 9.50
N GLY A 184 7.53 17.95 10.47
CA GLY A 184 6.82 18.73 11.47
C GLY A 184 5.69 19.59 10.95
N THR A 185 4.97 19.11 9.94
CA THR A 185 3.85 19.84 9.36
C THR A 185 3.03 18.94 8.46
N PRO A 186 1.70 19.13 8.43
CA PRO A 186 0.83 18.30 7.59
C PRO A 186 0.94 18.69 6.12
N ASP A 187 1.40 19.91 5.86
CA ASP A 187 1.52 20.40 4.50
C ASP A 187 2.87 20.05 3.87
N LEU A 188 2.87 19.07 2.96
CA LEU A 188 4.08 18.63 2.29
C LEU A 188 4.29 19.29 0.93
N ARG A 189 3.44 20.24 0.57
CA ARG A 189 3.61 20.92 -0.72
C ARG A 189 5.00 21.53 -0.81
N GLY A 190 5.58 21.50 -2.00
CA GLY A 190 6.91 22.07 -2.18
C GLY A 190 8.04 21.07 -2.12
N LYS A 191 7.91 20.05 -1.27
CA LYS A 191 8.95 19.03 -1.14
C LYS A 191 9.12 18.20 -2.40
N LYS A 192 10.37 17.86 -2.71
CA LYS A 192 10.68 17.04 -3.88
C LYS A 192 10.63 15.57 -3.48
N TYR A 193 9.67 14.85 -4.06
CA TYR A 193 9.48 13.43 -3.77
C TYR A 193 9.96 12.51 -4.88
N VAL A 194 10.86 11.61 -4.55
CA VAL A 194 11.36 10.66 -5.53
C VAL A 194 10.92 9.23 -5.26
N LEU A 195 10.07 8.69 -6.12
CA LEU A 195 9.62 7.32 -6.01
C LEU A 195 10.53 6.53 -6.94
N THR A 196 11.49 5.81 -6.38
CA THR A 196 12.43 5.06 -7.20
C THR A 196 12.26 3.55 -7.18
N TRP A 197 12.42 2.95 -8.35
CA TRP A 197 12.36 1.51 -8.51
C TRP A 197 13.67 1.00 -7.92
N THR A 198 13.69 -0.24 -7.43
CA THR A 198 14.89 -0.83 -6.88
C THR A 198 14.94 -2.29 -7.29
N TYR A 199 16.10 -2.89 -7.22
CA TYR A 199 16.27 -4.27 -7.62
C TYR A 199 15.77 -5.33 -6.63
N HIS A 200 15.45 -6.49 -7.17
CA HIS A 200 14.96 -7.65 -6.42
C HIS A 200 15.08 -8.83 -7.37
N PRO A 201 15.65 -9.95 -6.90
CA PRO A 201 15.81 -11.13 -7.76
C PRO A 201 14.52 -11.62 -8.43
N LYS A 202 13.39 -11.05 -8.03
CA LYS A 202 12.11 -11.45 -8.60
C LYS A 202 11.18 -10.27 -8.87
N PRO A 203 10.27 -10.43 -9.85
CA PRO A 203 9.33 -9.35 -10.19
C PRO A 203 8.23 -9.31 -9.13
N LEU A 204 7.96 -8.12 -8.61
CA LEU A 204 6.95 -7.97 -7.57
C LEU A 204 5.73 -7.16 -7.98
N ASN A 205 4.77 -7.14 -7.07
CA ASN A 205 3.51 -6.41 -7.21
C ASN A 205 3.84 -4.93 -7.33
N THR A 206 3.05 -4.18 -8.09
CA THR A 206 3.27 -2.73 -8.24
C THR A 206 2.46 -1.96 -7.20
N ALA A 207 1.63 -2.68 -6.46
CA ALA A 207 0.77 -2.10 -5.44
C ALA A 207 1.34 -0.92 -4.63
N VAL A 208 2.45 -1.15 -3.93
CA VAL A 208 3.06 -0.09 -3.12
C VAL A 208 3.50 1.10 -3.97
N ALA A 209 4.02 0.82 -5.16
CA ALA A 209 4.44 1.89 -6.06
C ALA A 209 3.23 2.68 -6.52
N ASN A 210 2.17 1.98 -6.91
CA ASN A 210 0.95 2.65 -7.36
C ASN A 210 0.44 3.55 -6.25
N SER A 211 0.48 3.04 -5.02
CA SER A 211 0.01 3.78 -3.86
C SER A 211 0.88 4.97 -3.50
N ALA A 212 2.19 4.79 -3.59
CA ALA A 212 3.13 5.86 -3.28
C ALA A 212 2.90 7.03 -4.23
N LEU A 213 2.75 6.71 -5.51
CA LEU A 213 2.53 7.72 -6.55
C LEU A 213 1.22 8.45 -6.29
N THR A 214 0.20 7.68 -5.88
CA THR A 214 -1.11 8.25 -5.61
C THR A 214 -1.12 9.23 -4.44
N ILE A 215 -0.56 8.81 -3.30
CA ILE A 215 -0.56 9.67 -2.11
C ILE A 215 0.42 10.84 -2.17
N ALA A 216 1.58 10.64 -2.80
CA ALA A 216 2.58 11.70 -2.91
C ALA A 216 2.02 12.87 -3.73
N THR A 217 1.26 12.55 -4.78
CA THR A 217 0.66 13.59 -5.62
C THR A 217 -0.54 14.20 -4.92
N ARG A 218 -1.35 13.35 -4.28
CA ARG A 218 -2.53 13.82 -3.58
C ARG A 218 -2.11 14.81 -2.50
N MET A 219 -0.90 14.62 -1.99
CA MET A 219 -0.34 15.48 -0.94
C MET A 219 0.31 16.74 -1.55
N GLY A 220 0.28 16.83 -2.87
CA GLY A 220 0.82 18.00 -3.55
C GLY A 220 2.34 18.16 -3.61
N MET A 221 3.08 17.06 -3.59
CA MET A 221 4.53 17.16 -3.67
C MET A 221 4.96 17.15 -5.14
N ASP A 222 6.23 17.47 -5.39
CA ASP A 222 6.79 17.45 -6.74
C ASP A 222 7.36 16.05 -6.88
N VAL A 223 6.58 15.18 -7.52
CA VAL A 223 6.92 13.77 -7.68
C VAL A 223 7.68 13.36 -8.94
N THR A 224 8.71 12.55 -8.74
CA THR A 224 9.49 12.02 -9.84
C THR A 224 9.48 10.50 -9.79
N LEU A 225 8.90 9.88 -10.83
CA LEU A 225 8.86 8.43 -10.90
C LEU A 225 10.12 7.98 -11.61
N LEU A 226 11.12 7.59 -10.82
CA LEU A 226 12.40 7.14 -11.34
C LEU A 226 12.41 5.62 -11.56
N CYS A 227 12.61 5.21 -12.80
CA CYS A 227 12.67 3.78 -13.13
C CYS A 227 13.64 3.57 -14.29
N PRO A 228 14.17 2.35 -14.45
CA PRO A 228 15.11 2.03 -15.52
C PRO A 228 14.67 2.36 -16.94
N THR A 229 13.56 1.78 -17.38
CA THR A 229 13.05 2.01 -18.73
C THR A 229 11.56 2.28 -18.75
N PRO A 230 11.03 2.79 -19.88
CA PRO A 230 9.60 3.08 -20.01
C PRO A 230 8.74 1.84 -19.77
N ASP A 231 9.37 0.67 -19.80
CA ASP A 231 8.66 -0.59 -19.58
C ASP A 231 8.30 -0.74 -18.11
N TYR A 232 8.99 0.00 -17.24
CA TYR A 232 8.73 -0.06 -15.81
C TYR A 232 7.81 1.04 -15.31
N ILE A 233 7.19 1.78 -16.23
CA ILE A 233 6.26 2.82 -15.86
C ILE A 233 5.00 2.13 -15.34
N LEU A 234 4.34 2.72 -14.35
CA LEU A 234 3.15 2.12 -13.76
C LEU A 234 1.92 2.18 -14.66
N ASP A 235 0.92 1.38 -14.33
CA ASP A 235 -0.32 1.32 -15.10
C ASP A 235 -0.88 2.73 -15.28
N GLU A 236 -1.45 2.99 -16.45
CA GLU A 236 -2.02 4.31 -16.76
C GLU A 236 -3.01 4.76 -15.71
N ARG A 237 -3.77 3.81 -15.16
CA ARG A 237 -4.76 4.13 -14.15
C ARG A 237 -4.18 5.01 -13.06
N TYR A 238 -2.99 4.66 -12.59
CA TYR A 238 -2.33 5.40 -11.53
C TYR A 238 -1.59 6.62 -12.03
N MET A 239 -1.05 6.56 -13.24
CA MET A 239 -0.36 7.71 -13.81
C MET A 239 -1.41 8.81 -13.95
N ASP A 240 -2.63 8.40 -14.28
CA ASP A 240 -3.73 9.34 -14.45
C ASP A 240 -4.27 9.86 -13.13
N TRP A 241 -4.34 9.00 -12.12
CA TRP A 241 -4.79 9.46 -10.81
C TRP A 241 -3.82 10.55 -10.36
N ALA A 242 -2.52 10.27 -10.56
CA ALA A 242 -1.46 11.19 -10.18
C ALA A 242 -1.60 12.54 -10.87
N ALA A 243 -1.91 12.50 -12.16
CA ALA A 243 -2.08 13.72 -12.95
C ALA A 243 -3.24 14.52 -12.37
N GLN A 244 -4.37 13.86 -12.15
CA GLN A 244 -5.54 14.52 -11.59
C GLN A 244 -5.18 15.09 -10.22
N ASN A 245 -4.40 14.33 -9.47
CA ASN A 245 -3.96 14.75 -8.13
C ASN A 245 -3.09 16.00 -8.18
N VAL A 246 -2.12 16.01 -9.08
CA VAL A 246 -1.23 17.17 -9.23
C VAL A 246 -2.02 18.43 -9.57
N ALA A 247 -2.83 18.33 -10.62
CA ALA A 247 -3.63 19.46 -11.07
C ALA A 247 -4.48 20.05 -9.95
N GLU A 248 -4.89 19.20 -9.01
CA GLU A 248 -5.72 19.66 -7.89
C GLU A 248 -4.95 19.96 -6.61
N SER A 249 -3.71 19.49 -6.54
CA SER A 249 -2.90 19.71 -5.35
C SER A 249 -1.85 20.82 -5.47
N GLY A 250 -1.41 21.10 -6.68
CA GLY A 250 -0.41 22.14 -6.88
C GLY A 250 1.00 21.58 -7.02
N GLY A 251 1.13 20.26 -6.94
CA GLY A 251 2.45 19.65 -7.07
C GLY A 251 2.79 19.40 -8.52
N SER A 252 3.54 18.33 -8.79
CA SER A 252 3.92 18.01 -10.18
C SER A 252 4.28 16.55 -10.33
N LEU A 253 4.21 16.06 -11.56
CA LEU A 253 4.53 14.67 -11.86
C LEU A 253 5.54 14.57 -12.99
N GLN A 254 6.52 13.69 -12.83
CA GLN A 254 7.57 13.54 -13.82
C GLN A 254 8.13 12.12 -13.83
N VAL A 255 8.40 11.59 -15.02
CA VAL A 255 8.97 10.26 -15.14
C VAL A 255 10.44 10.43 -15.54
N SER A 256 11.33 9.71 -14.87
CA SER A 256 12.75 9.79 -15.17
C SER A 256 13.41 8.43 -15.25
N HIS A 257 14.55 8.38 -15.93
CA HIS A 257 15.29 7.13 -16.09
C HIS A 257 16.76 7.37 -15.74
N ASP A 258 17.05 8.61 -15.31
CA ASP A 258 18.40 8.97 -14.91
C ASP A 258 18.46 9.13 -13.39
N ILE A 259 19.23 8.28 -12.74
CA ILE A 259 19.36 8.29 -11.29
C ILE A 259 19.76 9.62 -10.68
N ASP A 260 20.96 10.10 -11.02
CA ASP A 260 21.48 11.35 -10.48
C ASP A 260 20.59 12.59 -10.63
N SER A 261 19.96 12.75 -11.78
CA SER A 261 19.10 13.92 -11.98
C SER A 261 17.86 13.83 -11.10
N ALA A 262 17.42 12.60 -10.84
CA ALA A 262 16.24 12.38 -9.99
C ALA A 262 16.55 12.70 -8.53
N TYR A 263 17.54 12.01 -7.97
CA TYR A 263 17.93 12.21 -6.57
C TYR A 263 18.30 13.64 -6.20
N ALA A 264 18.83 14.39 -7.16
CA ALA A 264 19.26 15.76 -6.92
C ALA A 264 18.23 16.65 -6.22
N GLY A 265 18.62 17.16 -5.05
CA GLY A 265 17.75 18.05 -4.29
C GLY A 265 16.47 17.45 -3.76
N ALA A 266 16.38 16.13 -3.73
CA ALA A 266 15.17 15.46 -3.25
C ALA A 266 15.01 15.56 -1.74
N ASP A 267 13.76 15.66 -1.29
CA ASP A 267 13.45 15.75 0.14
C ASP A 267 13.03 14.40 0.68
N VAL A 268 12.54 13.55 -0.21
CA VAL A 268 12.09 12.23 0.17
C VAL A 268 12.41 11.23 -0.92
N VAL A 269 12.90 10.06 -0.52
CA VAL A 269 13.20 8.99 -1.45
C VAL A 269 12.51 7.72 -0.94
N TYR A 270 11.54 7.23 -1.72
CA TYR A 270 10.80 6.04 -1.36
C TYR A 270 11.11 4.98 -2.42
N ALA A 271 11.69 3.87 -2.01
CA ALA A 271 12.05 2.82 -2.94
C ALA A 271 11.07 1.66 -2.93
N LYS A 272 10.96 1.00 -4.08
CA LYS A 272 10.09 -0.16 -4.22
C LYS A 272 10.41 -0.85 -5.54
N SER A 273 10.44 -2.18 -5.50
CA SER A 273 10.73 -2.97 -6.69
C SER A 273 9.44 -3.57 -7.22
N TRP A 274 9.37 -3.74 -8.54
CA TRP A 274 8.19 -4.32 -9.16
C TRP A 274 8.54 -4.81 -10.55
N GLY A 275 7.80 -5.80 -11.02
CA GLY A 275 8.04 -6.34 -12.34
C GLY A 275 7.35 -5.50 -13.40
N ALA A 276 7.96 -5.40 -14.58
CA ALA A 276 7.39 -4.63 -15.68
C ALA A 276 6.04 -5.22 -16.07
N LEU A 277 5.02 -4.37 -16.07
CA LEU A 277 3.67 -4.79 -16.43
C LEU A 277 3.61 -5.46 -17.80
N PRO A 278 4.35 -4.92 -18.78
CA PRO A 278 4.34 -5.51 -20.12
C PRO A 278 4.86 -6.94 -20.20
N PHE A 279 5.47 -7.42 -19.12
CA PHE A 279 6.02 -8.79 -19.08
C PHE A 279 5.24 -9.72 -18.17
N PHE A 280 4.03 -9.33 -17.79
CA PHE A 280 3.21 -10.16 -16.92
C PHE A 280 2.87 -11.49 -17.57
N GLY A 281 3.14 -12.58 -16.86
CA GLY A 281 2.86 -13.91 -17.38
C GLY A 281 3.97 -14.41 -18.28
N ASN A 282 4.94 -13.54 -18.54
CA ASN A 282 6.08 -13.86 -19.39
C ASN A 282 7.32 -13.22 -18.77
N TRP A 283 7.63 -13.64 -17.54
CA TRP A 283 8.76 -13.11 -16.78
C TRP A 283 10.12 -13.64 -17.22
N GLU A 284 10.11 -14.78 -17.91
CA GLU A 284 11.35 -15.40 -18.38
C GLU A 284 12.30 -14.38 -19.02
N PRO A 285 11.78 -13.55 -19.95
CA PRO A 285 12.61 -12.55 -20.62
C PRO A 285 12.90 -11.25 -19.84
N GLU A 286 12.06 -10.92 -18.87
CA GLU A 286 12.28 -9.70 -18.11
C GLU A 286 13.35 -9.88 -17.04
N LYS A 287 13.59 -11.14 -16.65
CA LYS A 287 14.58 -11.43 -15.63
C LYS A 287 15.94 -10.85 -16.00
N PRO A 288 16.42 -11.10 -17.23
CA PRO A 288 17.72 -10.55 -17.62
C PRO A 288 17.67 -9.04 -17.72
N ILE A 289 16.48 -8.48 -17.88
CA ILE A 289 16.30 -7.04 -17.99
C ILE A 289 16.50 -6.34 -16.64
N ARG A 290 15.90 -6.89 -15.59
CA ARG A 290 16.04 -6.28 -14.26
C ARG A 290 17.47 -6.43 -13.75
N ASP A 291 18.06 -7.59 -14.00
CA ASP A 291 19.43 -7.87 -13.55
C ASP A 291 20.45 -6.85 -14.04
N GLN A 292 20.15 -6.18 -15.15
CA GLN A 292 21.06 -5.19 -15.70
C GLN A 292 20.99 -3.87 -14.95
N TYR A 293 20.02 -3.72 -14.07
CA TYR A 293 19.87 -2.50 -13.30
C TYR A 293 19.91 -2.73 -11.80
N GLN A 294 20.76 -3.64 -11.34
CA GLN A 294 20.85 -3.92 -9.92
C GLN A 294 21.65 -2.81 -9.24
N HIS A 295 21.94 -1.75 -9.99
CA HIS A 295 22.67 -0.61 -9.47
C HIS A 295 21.71 0.47 -9.00
N PHE A 296 20.42 0.24 -9.21
CA PHE A 296 19.41 1.20 -8.76
C PHE A 296 19.29 1.14 -7.25
N ILE A 297 20.06 0.26 -6.64
CA ILE A 297 20.06 0.11 -5.18
C ILE A 297 20.28 1.46 -4.52
N VAL A 298 19.53 1.74 -3.47
CA VAL A 298 19.67 3.01 -2.76
C VAL A 298 20.84 2.94 -1.79
N ASP A 299 21.91 3.66 -2.12
CA ASP A 299 23.11 3.67 -1.29
C ASP A 299 23.45 5.09 -0.81
N GLU A 300 24.53 5.20 -0.03
CA GLU A 300 24.95 6.50 0.49
C GLU A 300 25.22 7.48 -0.65
N ARG A 301 25.78 6.98 -1.74
CA ARG A 301 26.11 7.81 -2.88
C ARG A 301 24.89 8.58 -3.39
N LYS A 302 23.84 7.85 -3.75
CA LYS A 302 22.62 8.47 -4.24
C LYS A 302 21.97 9.38 -3.20
N MET A 303 21.88 8.89 -1.96
CA MET A 303 21.27 9.68 -0.89
C MET A 303 22.04 10.96 -0.62
N ALA A 304 23.32 10.96 -0.98
CA ALA A 304 24.15 12.14 -0.77
C ALA A 304 23.80 13.23 -1.78
N LEU A 305 23.08 12.84 -2.82
CA LEU A 305 22.68 13.78 -3.87
C LEU A 305 21.41 14.54 -3.51
N THR A 306 20.71 14.04 -2.49
CA THR A 306 19.46 14.66 -2.04
C THR A 306 19.68 15.84 -1.08
N ASN A 307 18.60 16.56 -0.81
CA ASN A 307 18.66 17.70 0.09
C ASN A 307 18.45 17.21 1.53
N ASN A 308 19.44 16.47 2.04
CA ASN A 308 19.37 15.91 3.39
C ASN A 308 18.05 15.16 3.47
N GLY A 309 17.70 14.52 2.35
CA GLY A 309 16.45 13.79 2.25
C GLY A 309 16.29 12.54 3.11
N VAL A 310 15.03 12.21 3.36
CA VAL A 310 14.67 11.04 4.13
C VAL A 310 14.47 9.87 3.19
N PHE A 311 14.72 8.67 3.69
CA PHE A 311 14.53 7.46 2.91
C PHE A 311 13.59 6.50 3.63
N SER A 312 12.80 5.76 2.86
CA SER A 312 11.90 4.79 3.45
C SER A 312 11.54 3.71 2.45
N HIS A 313 11.10 2.57 2.98
CA HIS A 313 10.67 1.43 2.18
C HIS A 313 9.52 0.84 2.99
N CYS A 314 8.58 0.21 2.30
CA CYS A 314 7.40 -0.37 2.94
C CYS A 314 7.71 -1.64 3.75
N LEU A 315 8.82 -2.29 3.44
CA LEU A 315 9.23 -3.53 4.09
C LEU A 315 8.25 -4.63 3.67
N PRO A 316 8.71 -5.90 3.66
CA PRO A 316 10.06 -6.36 4.02
C PRO A 316 11.12 -5.95 3.00
N LEU A 317 12.32 -5.64 3.48
CA LEU A 317 13.41 -5.20 2.60
C LEU A 317 14.64 -6.10 2.66
N ARG A 318 15.19 -6.41 1.49
CA ARG A 318 16.40 -7.23 1.40
C ARG A 318 17.60 -6.29 1.43
N ARG A 319 18.33 -6.29 2.54
CA ARG A 319 19.49 -5.42 2.67
C ARG A 319 20.58 -5.76 1.65
N ASN A 320 21.29 -4.73 1.21
CA ASN A 320 22.36 -4.86 0.23
C ASN A 320 21.83 -5.30 -1.14
N VAL A 321 20.53 -5.18 -1.33
CA VAL A 321 19.88 -5.54 -2.59
C VAL A 321 18.99 -4.37 -2.99
N ALA A 323 18.42 -1.71 -0.67
CA ALA A 323 19.08 -0.59 -0.01
C ALA A 323 20.28 -1.15 0.73
N THR A 324 21.32 -0.33 0.90
CA THR A 324 22.52 -0.77 1.60
C THR A 324 22.33 -0.68 3.11
N ASP A 325 23.14 -1.45 3.85
CA ASP A 325 23.08 -1.43 5.31
C ASP A 325 23.28 -0.01 5.83
N ALA A 326 24.16 0.74 5.18
CA ALA A 326 24.46 2.11 5.60
C ALA A 326 23.23 3.01 5.48
N VAL A 327 22.48 2.85 4.39
CA VAL A 327 21.28 3.65 4.18
C VAL A 327 20.19 3.26 5.19
N MET A 328 20.01 1.96 5.39
CA MET A 328 19.00 1.46 6.32
C MET A 328 19.28 1.87 7.77
N ASP A 329 20.55 2.09 8.10
CA ASP A 329 20.92 2.47 9.46
C ASP A 329 21.16 3.96 9.65
N SER A 330 20.99 4.74 8.58
CA SER A 330 21.19 6.18 8.67
C SER A 330 20.02 6.83 9.42
N PRO A 331 20.30 7.95 10.10
CA PRO A 331 19.23 8.64 10.85
C PRO A 331 18.16 9.20 9.91
N ASN A 332 18.44 9.17 8.62
CA ASN A 332 17.52 9.68 7.61
C ASN A 332 16.49 8.65 7.19
N CYS A 333 16.72 7.39 7.54
CA CYS A 333 15.80 6.31 7.21
C CYS A 333 14.66 6.30 8.23
N ILE A 334 13.43 6.50 7.76
CA ILE A 334 12.27 6.51 8.64
C ILE A 334 11.39 5.27 8.46
N ALA A 335 11.95 4.24 7.84
CA ALA A 335 11.20 3.00 7.60
C ALA A 335 10.56 2.40 8.84
N ILE A 336 11.26 2.42 9.97
CA ILE A 336 10.69 1.85 11.19
C ILE A 336 9.52 2.67 11.69
N ASP A 337 9.62 3.99 11.54
CA ASP A 337 8.55 4.88 11.96
C ASP A 337 7.32 4.67 11.08
N GLU A 338 7.54 4.52 9.78
CA GLU A 338 6.44 4.30 8.85
C GLU A 338 5.76 2.97 9.19
N ALA A 339 6.57 1.95 9.45
CA ALA A 339 6.04 0.63 9.81
C ALA A 339 5.18 0.78 11.07
N GLU A 340 5.67 1.51 12.06
CA GLU A 340 4.89 1.70 13.28
C GLU A 340 3.56 2.38 12.98
N ASN A 341 3.61 3.40 12.12
CA ASN A 341 2.40 4.13 11.79
C ASN A 341 1.28 3.29 11.16
N ARG A 342 1.61 2.12 10.64
CA ARG A 342 0.59 1.24 10.09
C ARG A 342 -0.47 0.97 11.18
N LEU A 343 -0.01 0.77 12.41
CA LEU A 343 -0.90 0.51 13.54
C LEU A 343 -1.87 1.67 13.78
N HIS A 344 -1.32 2.88 13.86
CA HIS A 344 -2.12 4.06 14.14
C HIS A 344 -3.10 4.44 13.02
N VAL A 345 -2.65 4.37 11.77
CA VAL A 345 -3.51 4.71 10.63
C VAL A 345 -4.66 3.72 10.46
N GLN A 346 -4.37 2.44 10.68
CA GLN A 346 -5.40 1.43 10.55
C GLN A 346 -6.46 1.55 11.64
N LYS A 347 -6.04 1.94 12.84
CA LYS A 347 -7.00 2.12 13.92
C LYS A 347 -7.91 3.31 13.55
N ALA A 348 -7.34 4.33 12.92
CA ALA A 348 -8.13 5.48 12.49
C ALA A 348 -9.15 5.03 11.43
N ILE A 349 -8.70 4.19 10.51
CA ILE A 349 -9.56 3.68 9.45
C ILE A 349 -10.71 2.83 10.01
N MET A 350 -10.39 1.89 10.90
CA MET A 350 -11.43 1.05 11.49
C MET A 350 -12.43 1.86 12.30
N ALA A 351 -11.94 2.86 13.01
CA ALA A 351 -12.83 3.70 13.82
C ALA A 351 -13.78 4.48 12.91
N ALA A 352 -13.25 4.99 11.80
CA ALA A 352 -14.06 5.76 10.87
C ALA A 352 -15.16 4.92 10.21
N LEU A 353 -14.85 3.67 9.90
CA LEU A 353 -15.81 2.80 9.23
C LEU A 353 -16.92 2.20 10.09
N VAL A 354 -16.68 2.06 11.39
CA VAL A 354 -17.71 1.50 12.27
C VAL A 354 -18.65 2.60 12.76
N GLY A 355 -19.82 2.21 13.26
CA GLY A 355 -20.78 3.17 13.75
C GLY A 355 -22.01 2.50 14.33
N GLN A 356 -21.83 1.73 15.41
CA GLN A 356 -22.93 1.01 16.05
C GLN A 356 -22.76 0.85 17.56
#